data_2XCW
#
_entry.id   2XCW
#
_cell.length_a   91.560
_cell.length_b   127.440
_cell.length_c   130.440
_cell.angle_alpha   90.00
_cell.angle_beta   90.00
_cell.angle_gamma   90.00
#
_symmetry.space_group_name_H-M   'I 2 2 2'
#
loop_
_entity.id
_entity.type
_entity.pdbx_description
1 polymer "CYTOSOLIC PURINE 5'-NUCLEOTIDASE"
2 non-polymer "ADENOSINE-5'-TRIPHOSPHATE"
3 non-polymer 'INOSINIC ACID'
4 non-polymer GLYCEROL
5 non-polymer 'MAGNESIUM ION'
6 water water
#
_entity_poly.entity_id   1
_entity_poly.type   'polypeptide(L)'
_entity_poly.pdbx_seq_one_letter_code
;GSSHHHHHHSSGLVPRGSMSTSWSDRLQNAADMPANMDKHALKKYRREAYHRVFVNRSLAMEKIKCFGFNMDYTLAVYKS
PEYESLGFELTVERLVSIGYPQELLSFAYDSTFPTRGLVFDTLYGNLLKVDAYGNLLVCAHGFNFIRGPETREQYPNKFI
QRDDTERFYILNTLFNLPETYLLACLVDFFTNCPRYTSCETGFKDGDLFMSYRSMFQDVRDAVDWVHYKGSLKEKTVENL
EKYVVKDGKLPLLLSRMKEVGKVFLATNSDYKYTDKIMTYLFDFPHGPKPGSSHRPWQSYFDLILVDARKPLFFGEGTVL
RQVDTKTGKLKIGTYTGPLQHGIVYSGGSSDTICDLLGAKGKDILYIGDHIFGDILKSKKRQGWRTFLVIPELAQELHVW
TDKSSLFEELQSLDIFLAELYKHLDSSSNERPDISSIQRRIKKVTHDMDMCYGMMGSLFRSGSRQTLFASQVMRYADLYA
ASFINLLYYPFSYLFRAAHVLMPHESTVEHTHVDINEMESPLATRNRTSVDFKDTDYKRHQLTRSISEIKPPNL
;
_entity_poly.pdbx_strand_id   A
#
loop_
_chem_comp.id
_chem_comp.type
_chem_comp.name
_chem_comp.formula
ATP non-polymer ADENOSINE-5'-TRIPHOSPHATE 'C10 H16 N5 O13 P3'
GOL non-polymer GLYCEROL 'C3 H8 O3'
IMP non-polymer 'INOSINIC ACID' 'C10 H13 N4 O8 P'
MG non-polymer 'MAGNESIUM ION' 'Mg 2'
#
# COMPACT_ATOMS: atom_id res chain seq x y z
N THR A 21 4.88 11.93 15.15
CA THR A 21 5.50 12.00 13.80
C THR A 21 5.14 10.75 13.00
N SER A 22 4.02 10.83 12.28
CA SER A 22 3.59 9.75 11.40
C SER A 22 4.54 9.61 10.21
N TRP A 23 4.45 8.50 9.50
CA TRP A 23 5.23 8.33 8.27
C TRP A 23 4.96 9.43 7.26
N SER A 24 3.73 9.97 7.24
CA SER A 24 3.41 10.96 6.26
C SER A 24 3.96 12.33 6.64
N ASP A 25 4.15 12.57 7.95
CA ASP A 25 4.88 13.75 8.47
C ASP A 25 6.33 13.75 7.97
N ARG A 26 7.00 12.61 8.14
CA ARG A 26 8.34 12.38 7.57
C ARG A 26 8.38 12.65 6.05
N LEU A 27 7.39 12.10 5.35
CA LEU A 27 7.31 12.27 3.90
C LEU A 27 7.09 13.75 3.49
N GLN A 28 6.22 14.45 4.21
CA GLN A 28 5.95 15.87 3.91
C GLN A 28 7.15 16.76 4.28
N ASN A 29 7.87 16.39 5.34
CA ASN A 29 9.08 17.13 5.75
C ASN A 29 10.11 17.06 4.64
N ALA A 30 10.30 15.85 4.13
CA ALA A 30 11.20 15.66 2.99
C ALA A 30 10.66 16.36 1.73
N ALA A 31 9.34 16.35 1.55
CA ALA A 31 8.66 17.00 0.40
C ALA A 31 8.88 18.53 0.35
N ASP A 32 9.00 19.15 1.52
CA ASP A 32 9.10 20.60 1.61
C ASP A 32 10.49 21.11 1.21
N MET A 33 11.44 20.18 1.09
CA MET A 33 12.80 20.57 0.70
C MET A 33 12.97 20.70 -0.81
N PRO A 34 13.68 21.76 -1.24
CA PRO A 34 14.02 21.87 -2.65
C PRO A 34 15.12 20.87 -3.00
N ALA A 35 15.18 20.50 -4.27
CA ALA A 35 16.22 19.60 -4.77
C ALA A 35 17.51 20.36 -4.98
N ASN A 36 18.57 19.89 -4.33
CA ASN A 36 19.91 20.33 -4.64
C ASN A 36 20.45 19.24 -5.57
N MET A 37 20.57 19.59 -6.85
CA MET A 37 20.95 18.62 -7.86
C MET A 37 22.46 18.59 -8.11
N ASP A 38 23.24 19.27 -7.26
CA ASP A 38 24.69 19.14 -7.29
C ASP A 38 24.99 17.66 -7.10
N LYS A 39 25.86 17.10 -7.96
CA LYS A 39 26.02 15.63 -8.00
C LYS A 39 26.58 15.06 -6.69
N HIS A 40 27.42 15.85 -6.03
CA HIS A 40 27.93 15.49 -4.70
C HIS A 40 26.86 15.57 -3.61
N ALA A 41 26.00 16.58 -3.68
CA ALA A 41 24.85 16.67 -2.77
C ALA A 41 23.94 15.44 -2.94
N LEU A 42 23.69 15.02 -4.18
CA LEU A 42 22.82 13.87 -4.47
C LEU A 42 23.38 12.56 -3.90
N LYS A 43 24.67 12.35 -4.12
CA LYS A 43 25.34 11.15 -3.63
C LYS A 43 25.24 11.08 -2.11
N LYS A 44 25.43 12.23 -1.47
CA LYS A 44 25.41 12.31 -0.01
C LYS A 44 24.00 12.10 0.57
N TYR A 45 23.00 12.66 -0.10
CA TYR A 45 21.61 12.53 0.35
C TYR A 45 21.15 11.07 0.36
N ARG A 46 21.41 10.36 -0.74
CA ARG A 46 20.96 8.98 -0.92
C ARG A 46 21.72 8.02 -0.04
N ARG A 47 22.76 8.50 0.66
CA ARG A 47 23.35 7.75 1.77
C ARG A 47 22.28 7.41 2.81
N GLU A 48 21.46 8.40 3.15
CA GLU A 48 20.50 8.22 4.24
C GLU A 48 19.41 7.24 3.85
N ALA A 49 19.08 6.34 4.77
CA ALA A 49 18.17 5.22 4.46
C ALA A 49 16.85 5.73 3.96
N TYR A 50 16.38 6.83 4.56
CA TYR A 50 15.13 7.52 4.19
C TYR A 50 15.04 7.92 2.70
N HIS A 51 16.19 8.23 2.11
CA HIS A 51 16.29 8.77 0.75
C HIS A 51 16.87 7.77 -0.24
N ARG A 52 17.02 6.55 0.23
CA ARG A 52 17.65 5.50 -0.51
C ARG A 52 16.62 4.68 -1.32
N VAL A 53 17.10 4.06 -2.39
CA VAL A 53 16.34 3.05 -3.13
C VAL A 53 17.00 1.70 -2.81
N PHE A 54 16.20 0.78 -2.28
CA PHE A 54 16.66 -0.54 -1.87
C PHE A 54 16.44 -1.54 -3.01
N VAL A 55 17.32 -2.53 -3.09
CA VAL A 55 17.44 -3.35 -4.29
C VAL A 55 17.29 -4.83 -3.91
N ASN A 56 16.25 -5.46 -4.45
CA ASN A 56 16.10 -6.90 -4.33
C ASN A 56 16.73 -7.68 -5.47
N ARG A 57 16.63 -7.16 -6.69
CA ARG A 57 17.29 -7.75 -7.86
C ARG A 57 17.91 -6.62 -8.64
N SER A 58 19.08 -6.89 -9.22
CA SER A 58 19.83 -5.89 -9.96
C SER A 58 18.99 -5.31 -11.09
N LEU A 59 19.18 -4.01 -11.34
CA LEU A 59 18.43 -3.31 -12.37
C LEU A 59 19.32 -2.19 -12.91
N ALA A 60 19.58 -2.26 -14.22
CA ALA A 60 20.36 -1.29 -14.95
C ALA A 60 19.37 -0.21 -15.43
N MET A 61 19.41 0.96 -14.81
CA MET A 61 18.48 2.04 -15.20
C MET A 61 18.58 2.46 -16.66
N GLU A 62 19.75 2.34 -17.28
CA GLU A 62 19.88 2.67 -18.71
C GLU A 62 19.06 1.79 -19.66
N LYS A 63 18.62 0.63 -19.20
CA LYS A 63 17.80 -0.23 -20.02
C LYS A 63 16.29 0.11 -19.91
N ILE A 64 15.91 0.90 -18.91
CA ILE A 64 14.51 1.32 -18.76
C ILE A 64 14.18 2.39 -19.81
N LYS A 65 13.19 2.09 -20.65
CA LYS A 65 12.73 3.02 -21.67
C LYS A 65 11.38 3.73 -21.37
N CYS A 66 10.58 3.16 -20.45
CA CYS A 66 9.29 3.68 -20.03
C CYS A 66 9.20 3.62 -18.53
N PHE A 67 8.81 4.74 -17.95
CA PHE A 67 8.51 4.79 -16.52
C PHE A 67 7.00 4.91 -16.34
N GLY A 68 6.41 3.99 -15.58
CA GLY A 68 4.96 3.94 -15.39
C GLY A 68 4.68 4.20 -13.92
N PHE A 69 3.61 4.95 -13.68
CA PHE A 69 3.22 5.37 -12.36
C PHE A 69 1.77 5.03 -12.10
N ASN A 70 1.53 4.66 -10.87
CA ASN A 70 0.22 4.59 -10.34
C ASN A 70 -0.03 5.93 -9.64
N MET A 71 -1.28 6.30 -9.41
CA MET A 71 -1.60 7.52 -8.69
C MET A 71 -1.73 7.38 -7.17
N ASP A 72 -2.77 6.72 -6.73
N ASP A 72 -2.77 6.73 -6.73
CA ASP A 72 -3.05 6.73 -5.28
CA ASP A 72 -3.11 6.77 -5.29
C ASP A 72 -2.07 5.94 -4.46
C ASP A 72 -2.13 5.95 -4.45
N TYR A 73 -1.62 6.58 -3.39
CA TYR A 73 -0.53 6.09 -2.54
C TYR A 73 0.81 5.88 -3.23
N THR A 74 0.96 6.44 -4.43
CA THR A 74 2.23 6.43 -5.18
C THR A 74 2.57 7.88 -5.47
N LEU A 75 1.93 8.51 -6.44
CA LEU A 75 2.09 9.96 -6.67
C LEU A 75 1.35 10.80 -5.61
N ALA A 76 0.13 10.36 -5.25
CA ALA A 76 -0.71 11.04 -4.29
C ALA A 76 -0.71 10.20 -3.02
N VAL A 77 0.16 10.60 -2.08
CA VAL A 77 0.27 9.93 -0.80
C VAL A 77 -0.63 10.70 0.18
N TYR A 78 -1.63 10.00 0.71
CA TYR A 78 -2.61 10.64 1.59
C TYR A 78 -2.02 10.74 3.00
N LYS A 79 -2.26 11.86 3.64
CA LYS A 79 -1.70 12.15 4.97
C LYS A 79 -2.35 11.31 6.07
N SER A 80 -1.54 10.89 7.04
CA SER A 80 -1.91 9.98 8.12
C SER A 80 -1.70 10.67 9.48
N PRO A 81 -2.64 10.48 10.43
CA PRO A 81 -3.81 9.60 10.31
C PRO A 81 -5.09 10.23 9.74
N GLU A 82 -4.99 11.45 9.26
CA GLU A 82 -6.16 12.23 8.87
C GLU A 82 -6.98 11.50 7.82
N TYR A 83 -6.33 11.03 6.75
CA TYR A 83 -7.10 10.36 5.64
C TYR A 83 -7.70 9.03 6.09
N GLU A 84 -6.96 8.20 6.83
CA GLU A 84 -7.51 6.96 7.37
C GLU A 84 -8.73 7.23 8.28
N SER A 85 -8.61 8.25 9.14
N SER A 85 -8.63 8.26 9.13
CA SER A 85 -9.68 8.66 10.03
CA SER A 85 -9.71 8.63 10.05
C SER A 85 -10.93 9.00 9.22
C SER A 85 -10.95 9.10 9.30
N LEU A 86 -10.76 9.80 8.17
CA LEU A 86 -11.87 10.17 7.30
C LEU A 86 -12.55 8.96 6.65
N GLY A 87 -11.75 8.05 6.09
CA GLY A 87 -12.29 6.82 5.58
C GLY A 87 -13.04 6.03 6.64
N PHE A 88 -12.41 5.87 7.81
CA PHE A 88 -13.03 5.18 8.95
C PHE A 88 -14.39 5.79 9.30
N GLU A 89 -14.41 7.11 9.52
N GLU A 89 -14.42 7.10 9.48
CA GLU A 89 -15.65 7.83 9.88
CA GLU A 89 -15.64 7.81 9.88
C GLU A 89 -16.76 7.57 8.87
C GLU A 89 -16.77 7.59 8.88
N LEU A 90 -16.45 7.71 7.60
CA LEU A 90 -17.46 7.53 6.53
C LEU A 90 -17.95 6.10 6.39
N THR A 91 -17.06 5.13 6.62
CA THR A 91 -17.42 3.71 6.57
C THR A 91 -18.34 3.39 7.77
N VAL A 92 -17.99 3.88 8.96
CA VAL A 92 -18.87 3.77 10.13
C VAL A 92 -20.24 4.35 9.86
N GLU A 93 -20.28 5.57 9.34
N GLU A 93 -20.26 5.58 9.35
CA GLU A 93 -21.55 6.23 9.11
CA GLU A 93 -21.50 6.29 9.04
C GLU A 93 -22.41 5.50 8.08
C GLU A 93 -22.37 5.44 8.14
N ARG A 94 -21.77 4.87 7.10
CA ARG A 94 -22.50 4.00 6.14
C ARG A 94 -23.09 2.74 6.79
N LEU A 95 -22.31 2.08 7.65
CA LEU A 95 -22.81 0.93 8.40
C LEU A 95 -24.01 1.26 9.30
N VAL A 96 -23.90 2.39 10.02
CA VAL A 96 -25.00 2.87 10.83
C VAL A 96 -26.20 3.16 9.93
N SER A 97 -25.99 3.81 8.79
CA SER A 97 -27.11 4.15 7.93
C SER A 97 -27.86 2.91 7.38
N ILE A 98 -27.16 1.80 7.20
CA ILE A 98 -27.82 0.56 6.77
C ILE A 98 -28.33 -0.34 7.92
N GLY A 99 -28.13 0.07 9.17
CA GLY A 99 -28.80 -0.60 10.28
C GLY A 99 -27.94 -1.11 11.41
N TYR A 100 -26.63 -0.89 11.33
CA TYR A 100 -25.72 -1.24 12.44
C TYR A 100 -26.03 -0.35 13.65
N PRO A 101 -25.73 -0.85 14.85
CA PRO A 101 -26.10 -0.10 16.05
C PRO A 101 -25.44 1.28 16.20
N GLN A 102 -26.12 2.18 16.89
CA GLN A 102 -25.66 3.55 17.05
C GLN A 102 -24.35 3.66 17.80
N GLU A 103 -24.00 2.65 18.60
CA GLU A 103 -22.75 2.68 19.35
C GLU A 103 -21.49 2.70 18.48
N LEU A 104 -21.61 2.25 17.23
CA LEU A 104 -20.52 2.42 16.25
C LEU A 104 -20.07 3.89 16.13
N LEU A 105 -20.99 4.83 16.31
CA LEU A 105 -20.64 6.25 16.26
C LEU A 105 -19.70 6.68 17.41
N SER A 106 -19.52 5.84 18.41
CA SER A 106 -18.57 6.14 19.49
C SER A 106 -17.13 5.71 19.10
N PHE A 107 -16.98 4.92 18.04
CA PHE A 107 -15.65 4.47 17.59
C PHE A 107 -14.84 5.67 17.11
N ALA A 108 -13.53 5.61 17.26
CA ALA A 108 -12.65 6.65 16.74
C ALA A 108 -11.41 5.98 16.24
N TYR A 109 -11.01 6.28 15.00
CA TYR A 109 -9.83 5.65 14.42
C TYR A 109 -8.62 5.77 15.35
N ASP A 110 -7.91 4.66 15.50
CA ASP A 110 -6.64 4.63 16.22
C ASP A 110 -5.56 4.09 15.32
N SER A 111 -4.68 4.98 14.87
CA SER A 111 -3.54 4.61 14.06
C SER A 111 -2.52 3.66 14.73
N THR A 112 -2.56 3.51 16.04
CA THR A 112 -1.63 2.61 16.73
C THR A 112 -1.99 1.13 16.68
N PHE A 113 -3.21 0.81 16.28
CA PHE A 113 -3.61 -0.58 16.16
C PHE A 113 -3.21 -1.25 14.85
N PRO A 114 -3.66 -0.74 13.69
CA PRO A 114 -3.49 -1.60 12.51
C PRO A 114 -2.10 -1.48 11.90
N THR A 115 -1.58 -2.63 11.50
CA THR A 115 -0.44 -2.73 10.62
C THR A 115 -0.98 -3.23 9.31
N ARG A 116 -0.40 -2.81 8.19
CA ARG A 116 -0.79 -3.29 6.91
C ARG A 116 -0.39 -4.76 6.65
N GLY A 117 -1.19 -5.45 5.82
CA GLY A 117 -0.89 -6.80 5.35
C GLY A 117 -1.46 -7.90 6.23
N LEU A 118 -2.27 -7.53 7.23
CA LEU A 118 -2.96 -8.53 8.05
C LEU A 118 -3.99 -9.33 7.25
N VAL A 119 -4.32 -10.49 7.78
CA VAL A 119 -5.31 -11.38 7.20
C VAL A 119 -6.51 -11.43 8.14
N PHE A 120 -7.69 -11.15 7.61
CA PHE A 120 -8.88 -11.38 8.35
C PHE A 120 -9.38 -12.76 8.09
N ASP A 121 -9.55 -13.53 9.18
CA ASP A 121 -10.17 -14.87 9.14
C ASP A 121 -11.67 -14.73 9.30
N THR A 122 -12.40 -14.89 8.20
CA THR A 122 -13.86 -14.68 8.21
C THR A 122 -14.66 -15.75 8.94
N LEU A 123 -14.03 -16.91 9.25
CA LEU A 123 -14.70 -17.99 9.93
C LEU A 123 -14.73 -17.66 11.43
N TYR A 124 -13.57 -17.30 11.99
CA TYR A 124 -13.48 -17.08 13.45
C TYR A 124 -13.36 -15.64 13.93
N GLY A 125 -13.30 -14.73 12.97
CA GLY A 125 -13.29 -13.31 13.21
C GLY A 125 -12.01 -12.76 13.85
N ASN A 126 -10.87 -13.32 13.45
CA ASN A 126 -9.56 -12.93 13.97
C ASN A 126 -8.82 -12.14 12.90
N LEU A 127 -8.03 -11.15 13.33
CA LEU A 127 -6.98 -10.56 12.53
C LEU A 127 -5.72 -11.34 12.79
N LEU A 128 -5.06 -11.76 11.72
CA LEU A 128 -3.84 -12.57 11.78
C LEU A 128 -2.68 -11.87 11.07
N LYS A 129 -1.54 -11.90 11.69
CA LYS A 129 -0.26 -11.58 11.06
C LYS A 129 0.46 -12.91 10.83
N VAL A 130 0.77 -13.19 9.56
CA VAL A 130 1.29 -14.49 9.16
C VAL A 130 2.59 -14.32 8.35
N ASP A 131 3.37 -15.39 8.32
CA ASP A 131 4.53 -15.43 7.42
C ASP A 131 4.11 -15.97 6.04
N ALA A 132 5.10 -16.13 5.15
CA ALA A 132 4.87 -16.51 3.78
C ALA A 132 4.32 -17.92 3.68
N TYR A 133 4.46 -18.71 4.74
CA TYR A 133 4.03 -20.10 4.79
C TYR A 133 2.68 -20.27 5.46
N GLY A 134 2.04 -19.17 5.82
CA GLY A 134 0.75 -19.20 6.50
C GLY A 134 0.91 -19.46 7.99
N ASN A 135 2.13 -19.40 8.52
CA ASN A 135 2.35 -19.58 9.95
C ASN A 135 1.90 -18.33 10.71
N LEU A 136 1.25 -18.54 11.84
CA LEU A 136 0.72 -17.46 12.68
C LEU A 136 1.82 -16.78 13.45
N LEU A 137 1.91 -15.48 13.31
CA LEU A 137 2.80 -14.68 14.10
C LEU A 137 2.05 -13.91 15.19
N VAL A 138 0.86 -13.42 14.86
CA VAL A 138 0.02 -12.67 15.80
C VAL A 138 -1.42 -13.03 15.45
N CYS A 139 -2.22 -13.16 16.49
CA CYS A 139 -3.64 -13.43 16.37
C CYS A 139 -4.37 -12.56 17.40
N ALA A 140 -5.28 -11.71 16.93
CA ALA A 140 -6.12 -10.85 17.77
C ALA A 140 -7.59 -11.07 17.41
N HIS A 141 -8.39 -11.33 18.42
CA HIS A 141 -9.84 -11.38 18.35
C HIS A 141 -10.37 -10.10 19.04
N GLY A 142 -10.91 -9.18 18.23
CA GLY A 142 -11.19 -7.82 18.69
C GLY A 142 -9.86 -7.21 19.09
N PHE A 143 -9.76 -6.75 20.34
CA PHE A 143 -8.52 -6.21 20.88
C PHE A 143 -7.81 -7.18 21.84
N ASN A 144 -8.23 -8.44 21.82
CA ASN A 144 -7.67 -9.48 22.66
C ASN A 144 -6.65 -10.25 21.84
N PHE A 145 -5.38 -10.07 22.19
CA PHE A 145 -4.28 -10.82 21.57
C PHE A 145 -4.17 -12.21 22.19
N ILE A 146 -4.31 -13.21 21.34
CA ILE A 146 -4.42 -14.60 21.75
C ILE A 146 -3.00 -15.16 21.74
N ARG A 147 -2.58 -15.75 22.84
CA ARG A 147 -1.23 -16.30 22.95
C ARG A 147 -1.24 -17.72 22.44
N GLY A 148 -0.06 -18.24 22.10
CA GLY A 148 0.07 -19.50 21.36
C GLY A 148 -0.83 -20.67 21.76
N PRO A 149 -0.86 -21.03 23.06
CA PRO A 149 -1.68 -22.19 23.44
C PRO A 149 -3.18 -22.04 23.13
N GLU A 150 -3.73 -20.87 23.42
CA GLU A 150 -5.15 -20.61 23.12
C GLU A 150 -5.43 -20.63 21.62
N THR A 151 -4.47 -20.20 20.80
CA THR A 151 -4.67 -20.16 19.34
C THR A 151 -4.79 -21.56 18.73
N ARG A 152 -4.20 -22.55 19.39
CA ARG A 152 -4.26 -23.94 18.92
C ARG A 152 -5.67 -24.55 18.91
N GLU A 153 -6.58 -24.00 19.68
CA GLU A 153 -7.97 -24.46 19.64
C GLU A 153 -8.53 -24.22 18.22
N GLN A 154 -8.33 -23.02 17.67
CA GLN A 154 -8.82 -22.66 16.32
C GLN A 154 -7.85 -22.97 15.18
N TYR A 155 -6.56 -23.05 15.48
CA TYR A 155 -5.48 -23.20 14.47
C TYR A 155 -4.56 -24.29 14.99
N PRO A 156 -4.99 -25.53 14.86
CA PRO A 156 -4.25 -26.59 15.52
C PRO A 156 -2.79 -26.77 15.08
N ASN A 157 -2.44 -26.37 13.86
CA ASN A 157 -1.07 -26.39 13.38
C ASN A 157 -0.44 -25.00 13.37
N LYS A 158 -1.07 -24.05 14.06
CA LYS A 158 -0.64 -22.65 14.04
C LYS A 158 -0.38 -22.14 12.62
N PHE A 159 -1.35 -22.44 11.75
CA PHE A 159 -1.17 -22.32 10.33
C PHE A 159 -2.49 -22.04 9.66
N ILE A 160 -2.47 -21.23 8.62
CA ILE A 160 -3.62 -21.07 7.71
C ILE A 160 -3.27 -21.48 6.27
N GLN A 161 -4.30 -21.95 5.57
CA GLN A 161 -4.21 -22.31 4.14
C GLN A 161 -4.54 -21.04 3.38
N ARG A 162 -3.48 -20.42 2.90
CA ARG A 162 -3.58 -19.21 2.10
C ARG A 162 -4.40 -19.37 0.81
N ASP A 163 -4.41 -20.56 0.21
CA ASP A 163 -5.27 -20.78 -0.94
C ASP A 163 -6.79 -20.75 -0.66
N ASP A 164 -7.17 -20.68 0.61
CA ASP A 164 -8.59 -20.59 1.03
C ASP A 164 -8.99 -19.12 1.01
N THR A 165 -9.08 -18.61 -0.20
CA THR A 165 -9.31 -17.19 -0.38
C THR A 165 -10.74 -16.78 -0.04
N GLU A 166 -11.67 -17.73 -0.03
CA GLU A 166 -13.01 -17.38 0.45
C GLU A 166 -13.02 -17.15 1.99
N ARG A 167 -12.12 -17.80 2.73
CA ARG A 167 -12.07 -17.64 4.19
C ARG A 167 -11.18 -16.49 4.64
N PHE A 168 -10.03 -16.32 4.00
CA PHE A 168 -8.98 -15.41 4.45
C PHE A 168 -8.82 -14.25 3.47
N TYR A 169 -8.87 -13.03 3.99
CA TYR A 169 -8.75 -11.85 3.15
C TYR A 169 -7.50 -11.08 3.61
N ILE A 170 -6.62 -10.81 2.67
CA ILE A 170 -5.37 -10.07 2.95
C ILE A 170 -5.62 -8.59 2.70
N LEU A 171 -5.32 -7.79 3.73
CA LEU A 171 -5.55 -6.37 3.74
C LEU A 171 -4.28 -5.70 3.26
N ASN A 172 -4.12 -5.61 1.95
CA ASN A 172 -2.86 -5.22 1.32
C ASN A 172 -2.44 -3.74 1.31
N THR A 173 -3.40 -2.82 1.27
CA THR A 173 -3.09 -1.43 0.99
C THR A 173 -3.34 -0.52 2.14
N LEU A 174 -2.78 0.69 2.04
CA LEU A 174 -3.10 1.74 2.99
C LEU A 174 -4.62 2.13 3.01
N PHE A 175 -5.33 1.92 1.91
CA PHE A 175 -6.79 2.07 1.87
C PHE A 175 -7.51 1.10 2.81
N ASN A 176 -6.87 -0.01 3.15
CA ASN A 176 -7.40 -1.04 4.05
C ASN A 176 -7.11 -0.82 5.54
N LEU A 177 -6.37 0.22 5.90
CA LEU A 177 -6.08 0.47 7.31
C LEU A 177 -7.35 0.78 8.12
N PRO A 178 -8.25 1.64 7.61
CA PRO A 178 -9.52 1.88 8.31
C PRO A 178 -10.35 0.63 8.55
N GLU A 179 -10.54 -0.22 7.55
CA GLU A 179 -11.30 -1.46 7.78
C GLU A 179 -10.60 -2.46 8.67
N THR A 180 -9.27 -2.50 8.63
CA THR A 180 -8.49 -3.31 9.56
C THR A 180 -8.89 -2.96 11.01
N TYR A 181 -8.83 -1.67 11.35
CA TYR A 181 -9.21 -1.23 12.68
C TYR A 181 -10.71 -1.46 12.95
N LEU A 182 -11.55 -1.15 11.97
CA LEU A 182 -13.00 -1.29 12.12
C LEU A 182 -13.42 -2.75 12.39
N LEU A 183 -12.81 -3.69 11.66
CA LEU A 183 -13.04 -5.11 11.92
C LEU A 183 -12.81 -5.44 13.40
N ALA A 184 -11.65 -5.05 13.93
CA ALA A 184 -11.31 -5.25 15.34
C ALA A 184 -12.33 -4.55 16.31
N CYS A 185 -12.66 -3.29 16.02
CA CYS A 185 -13.67 -2.53 16.77
C CYS A 185 -15.01 -3.23 16.84
N LEU A 186 -15.46 -3.76 15.70
CA LEU A 186 -16.76 -4.49 15.63
C LEU A 186 -16.77 -5.80 16.44
N VAL A 187 -15.74 -6.63 16.27
CA VAL A 187 -15.67 -7.87 17.08
C VAL A 187 -15.63 -7.57 18.54
N ASP A 188 -14.84 -6.55 18.90
CA ASP A 188 -14.79 -6.07 20.29
C ASP A 188 -16.17 -5.61 20.78
N PHE A 189 -16.87 -4.81 19.97
CA PHE A 189 -18.16 -4.27 20.36
C PHE A 189 -19.18 -5.39 20.62
N PHE A 190 -19.39 -6.25 19.63
CA PHE A 190 -20.40 -7.28 19.74
C PHE A 190 -20.04 -8.28 20.82
N THR A 191 -18.75 -8.58 20.98
CA THR A 191 -18.33 -9.49 22.07
C THR A 191 -18.70 -9.01 23.48
N ASN A 192 -18.54 -7.72 23.72
CA ASN A 192 -18.69 -7.17 25.04
C ASN A 192 -20.04 -6.51 25.28
N CYS A 193 -20.93 -6.51 24.28
CA CYS A 193 -22.23 -5.93 24.42
C CYS A 193 -23.20 -7.04 24.81
N PRO A 194 -23.91 -6.87 25.94
CA PRO A 194 -24.75 -7.93 26.48
C PRO A 194 -25.99 -8.27 25.63
N ARG A 195 -26.34 -7.42 24.66
CA ARG A 195 -27.44 -7.72 23.71
C ARG A 195 -27.14 -8.95 22.80
N TYR A 196 -25.85 -9.22 22.59
CA TYR A 196 -25.39 -10.30 21.72
C TYR A 196 -24.76 -11.45 22.50
N THR A 197 -24.93 -12.67 21.99
CA THR A 197 -24.30 -13.86 22.52
C THR A 197 -23.22 -14.23 21.51
N SER A 198 -22.00 -14.43 21.99
CA SER A 198 -20.90 -14.78 21.10
C SER A 198 -20.91 -16.25 20.81
N CYS A 199 -20.66 -16.61 19.55
CA CYS A 199 -20.55 -17.99 19.16
C CYS A 199 -19.22 -18.14 18.45
N GLU A 200 -18.81 -19.35 18.12
N GLU A 200 -18.90 -19.37 18.11
CA GLU A 200 -17.48 -19.48 17.51
CA GLU A 200 -17.66 -19.69 17.44
C GLU A 200 -17.41 -18.74 16.15
C GLU A 200 -17.44 -18.87 16.17
N THR A 201 -18.51 -18.71 15.38
CA THR A 201 -18.44 -18.15 14.03
C THR A 201 -19.21 -16.83 13.83
N GLY A 202 -19.70 -16.24 14.92
CA GLY A 202 -20.35 -14.93 14.88
C GLY A 202 -21.14 -14.66 16.15
N PHE A 203 -22.20 -13.86 16.02
CA PHE A 203 -22.99 -13.36 17.14
C PHE A 203 -24.48 -13.62 16.94
N LYS A 204 -25.12 -14.01 18.02
CA LYS A 204 -26.57 -14.20 18.06
C LYS A 204 -27.21 -12.96 18.71
N ASP A 205 -28.23 -12.41 18.05
CA ASP A 205 -29.05 -11.32 18.59
C ASP A 205 -30.52 -11.76 18.49
N GLY A 206 -30.99 -12.50 19.47
CA GLY A 206 -32.30 -13.12 19.38
C GLY A 206 -32.44 -14.16 18.26
N ASP A 207 -33.34 -13.89 17.32
CA ASP A 207 -33.56 -14.72 16.13
C ASP A 207 -32.72 -14.22 14.95
N LEU A 208 -31.70 -13.40 15.19
CA LEU A 208 -30.81 -12.99 14.15
C LEU A 208 -29.43 -13.55 14.46
N PHE A 209 -28.79 -14.13 13.46
CA PHE A 209 -27.39 -14.54 13.58
C PHE A 209 -26.51 -13.76 12.61
N MET A 210 -25.51 -13.07 13.14
CA MET A 210 -24.55 -12.38 12.26
C MET A 210 -23.20 -13.11 12.34
N SER A 211 -22.80 -13.76 11.25
CA SER A 211 -21.52 -14.41 11.14
C SER A 211 -20.45 -13.37 10.92
N TYR A 212 -19.25 -13.70 11.36
CA TYR A 212 -18.10 -12.85 11.07
C TYR A 212 -17.95 -12.64 9.58
N ARG A 213 -18.29 -13.66 8.82
CA ARG A 213 -18.16 -13.56 7.36
C ARG A 213 -19.11 -12.52 6.77
N SER A 214 -20.37 -12.51 7.23
CA SER A 214 -21.32 -11.53 6.78
C SER A 214 -20.99 -10.14 7.33
N MET A 215 -20.48 -10.04 8.55
CA MET A 215 -19.99 -8.75 9.07
C MET A 215 -18.84 -8.21 8.19
N PHE A 216 -17.90 -9.09 7.90
CA PHE A 216 -16.79 -8.72 7.06
C PHE A 216 -17.28 -8.19 5.71
N GLN A 217 -18.22 -8.91 5.09
CA GLN A 217 -18.79 -8.52 3.80
C GLN A 217 -19.48 -7.13 3.89
N ASP A 218 -20.24 -6.89 4.95
CA ASP A 218 -20.83 -5.55 5.22
C ASP A 218 -19.75 -4.45 5.26
N VAL A 219 -18.62 -4.70 5.93
CA VAL A 219 -17.58 -3.72 6.04
C VAL A 219 -16.96 -3.43 4.67
N ARG A 220 -16.64 -4.51 3.95
CA ARG A 220 -16.03 -4.44 2.63
C ARG A 220 -16.98 -3.66 1.65
N ASP A 221 -18.26 -4.01 1.67
CA ASP A 221 -19.29 -3.31 0.92
C ASP A 221 -19.39 -1.82 1.27
N ALA A 222 -19.28 -1.51 2.55
CA ALA A 222 -19.38 -0.14 3.03
C ALA A 222 -18.12 0.68 2.62
N VAL A 223 -16.91 0.09 2.68
CA VAL A 223 -15.71 0.76 2.18
C VAL A 223 -15.86 1.06 0.66
N ASP A 224 -16.26 0.04 -0.09
CA ASP A 224 -16.47 0.19 -1.50
C ASP A 224 -17.48 1.31 -1.78
N TRP A 225 -18.61 1.31 -1.09
CA TRP A 225 -19.64 2.34 -1.24
C TRP A 225 -19.07 3.75 -0.97
N VAL A 226 -18.31 3.90 0.11
CA VAL A 226 -17.70 5.19 0.49
C VAL A 226 -16.82 5.74 -0.67
N HIS A 227 -16.08 4.84 -1.32
CA HIS A 227 -15.19 5.18 -2.41
C HIS A 227 -15.95 5.50 -3.71
N TYR A 228 -16.98 4.71 -3.98
CA TYR A 228 -17.68 4.78 -5.27
C TYR A 228 -18.91 5.68 -5.27
N LYS A 229 -19.67 5.67 -4.20
CA LYS A 229 -20.95 6.35 -4.12
C LYS A 229 -21.05 7.34 -2.95
N GLY A 230 -20.14 7.27 -2.00
CA GLY A 230 -20.17 8.18 -0.87
C GLY A 230 -19.35 9.45 -1.05
N SER A 231 -18.94 10.05 0.07
CA SER A 231 -18.42 11.39 0.06
C SER A 231 -16.90 11.47 0.27
N LEU A 232 -16.18 10.36 0.20
CA LEU A 232 -14.76 10.36 0.51
C LEU A 232 -13.99 11.27 -0.46
N LYS A 233 -14.22 11.07 -1.76
CA LYS A 233 -13.51 11.84 -2.79
C LYS A 233 -13.82 13.33 -2.72
N GLU A 234 -15.09 13.64 -2.56
CA GLU A 234 -15.56 15.03 -2.42
C GLU A 234 -14.91 15.73 -1.21
N LYS A 235 -14.87 15.05 -0.06
CA LYS A 235 -14.30 15.64 1.14
C LYS A 235 -12.78 15.76 1.05
N THR A 236 -12.17 14.87 0.28
CA THR A 236 -10.73 14.90 0.05
C THR A 236 -10.38 16.13 -0.80
N VAL A 237 -11.09 16.29 -1.90
CA VAL A 237 -10.87 17.36 -2.87
C VAL A 237 -11.19 18.74 -2.32
N GLU A 238 -12.10 18.81 -1.37
CA GLU A 238 -12.39 20.10 -0.74
C GLU A 238 -11.35 20.52 0.32
N ASN A 239 -10.43 19.64 0.69
CA ASN A 239 -9.30 20.01 1.57
C ASN A 239 -8.02 19.22 1.28
N LEU A 240 -7.44 19.51 0.13
CA LEU A 240 -6.33 18.73 -0.38
C LEU A 240 -5.10 18.92 0.47
N GLU A 241 -4.91 20.12 1.03
CA GLU A 241 -3.74 20.37 1.87
C GLU A 241 -3.77 19.54 3.16
N LYS A 242 -4.97 19.32 3.67
CA LYS A 242 -5.16 18.44 4.84
C LYS A 242 -4.87 16.97 4.56
N TYR A 243 -5.30 16.51 3.38
CA TYR A 243 -5.30 15.09 3.04
C TYR A 243 -4.23 14.57 2.13
N VAL A 244 -3.52 15.43 1.40
CA VAL A 244 -2.57 14.95 0.35
C VAL A 244 -1.20 15.59 0.45
N VAL A 245 -0.14 14.78 0.47
CA VAL A 245 1.26 15.23 0.47
C VAL A 245 1.57 15.83 -0.93
N LYS A 246 2.22 16.99 -0.91
CA LYS A 246 2.54 17.70 -2.13
C LYS A 246 4.05 18.00 -2.09
N ASP A 247 4.72 17.85 -3.23
CA ASP A 247 6.19 17.90 -3.31
C ASP A 247 6.62 18.56 -4.59
N GLY A 248 7.32 19.68 -4.49
CA GLY A 248 7.77 20.43 -5.64
C GLY A 248 8.73 19.66 -6.53
N LYS A 249 9.35 18.63 -5.93
CA LYS A 249 10.29 17.78 -6.64
C LYS A 249 9.65 16.78 -7.57
N LEU A 250 8.34 16.52 -7.45
CA LEU A 250 7.65 15.62 -8.41
C LEU A 250 7.82 16.03 -9.88
N PRO A 251 7.44 17.28 -10.26
CA PRO A 251 7.64 17.62 -11.67
C PRO A 251 9.07 17.57 -12.14
N LEU A 252 10.01 17.81 -11.23
CA LEU A 252 11.43 17.78 -11.58
C LEU A 252 11.78 16.34 -11.99
N LEU A 253 11.40 15.36 -11.17
CA LEU A 253 11.78 13.95 -11.44
C LEU A 253 11.13 13.48 -12.75
N LEU A 254 9.85 13.77 -12.92
CA LEU A 254 9.12 13.35 -14.10
C LEU A 254 9.66 13.98 -15.33
N SER A 255 10.05 15.25 -15.22
CA SER A 255 10.62 15.97 -16.36
C SER A 255 11.95 15.32 -16.75
N ARG A 256 12.73 14.88 -15.77
CA ARG A 256 14.00 14.21 -16.05
C ARG A 256 13.82 12.82 -16.68
N MET A 257 12.82 12.08 -16.21
CA MET A 257 12.51 10.78 -16.79
C MET A 257 12.10 10.92 -18.25
N LYS A 258 11.38 12.00 -18.56
CA LYS A 258 10.88 12.17 -19.91
C LYS A 258 12.02 12.54 -20.85
N GLU A 259 13.14 13.03 -20.32
CA GLU A 259 14.33 13.28 -21.12
C GLU A 259 14.97 11.99 -21.64
N VAL A 260 14.89 10.90 -20.87
CA VAL A 260 15.54 9.64 -21.26
C VAL A 260 14.56 8.54 -21.66
N GLY A 261 13.27 8.77 -21.51
CA GLY A 261 12.29 7.75 -21.81
C GLY A 261 10.89 8.29 -21.85
N LYS A 262 9.94 7.38 -21.89
CA LYS A 262 8.54 7.70 -21.95
C LYS A 262 8.01 7.54 -20.52
N VAL A 263 6.94 8.27 -20.22
CA VAL A 263 6.32 8.28 -18.91
C VAL A 263 4.81 8.03 -19.12
N PHE A 264 4.26 7.12 -18.34
CA PHE A 264 2.82 6.83 -18.38
C PHE A 264 2.22 6.79 -16.98
N LEU A 265 0.92 7.03 -16.95
CA LEU A 265 0.09 6.93 -15.76
C LEU A 265 -0.94 5.82 -15.98
N ALA A 266 -1.09 4.96 -14.99
CA ALA A 266 -2.09 3.89 -15.02
C ALA A 266 -2.72 3.84 -13.64
N THR A 267 -3.99 4.25 -13.53
CA THR A 267 -4.68 4.32 -12.25
C THR A 267 -5.99 3.54 -12.32
N ASN A 268 -6.35 2.94 -11.21
CA ASN A 268 -7.69 2.40 -11.02
C ASN A 268 -8.74 3.50 -10.86
N SER A 269 -8.32 4.72 -10.58
N SER A 269 -8.33 4.73 -10.54
CA SER A 269 -9.25 5.83 -10.40
CA SER A 269 -9.28 5.86 -10.40
C SER A 269 -9.87 6.34 -11.71
C SER A 269 -9.91 6.30 -11.73
N ASP A 270 -10.95 7.10 -11.60
CA ASP A 270 -11.66 7.69 -12.74
C ASP A 270 -10.94 8.98 -13.11
N TYR A 271 -11.25 9.46 -14.32
CA TYR A 271 -10.59 10.66 -14.80
C TYR A 271 -10.88 11.93 -13.98
N LYS A 272 -12.14 12.16 -13.59
CA LYS A 272 -12.47 13.41 -12.87
C LYS A 272 -11.68 13.55 -11.56
N TYR A 273 -11.59 12.44 -10.82
CA TYR A 273 -10.82 12.45 -9.58
C TYR A 273 -9.31 12.57 -9.84
N THR A 274 -8.84 11.80 -10.82
CA THR A 274 -7.43 11.87 -11.25
C THR A 274 -7.01 13.30 -11.62
N ASP A 275 -7.85 13.99 -12.40
CA ASP A 275 -7.59 15.36 -12.80
C ASP A 275 -7.49 16.28 -11.57
N LYS A 276 -8.41 16.15 -10.62
CA LYS A 276 -8.40 17.02 -9.42
C LYS A 276 -7.12 16.81 -8.57
N ILE A 277 -6.79 15.54 -8.36
CA ILE A 277 -5.58 15.16 -7.60
C ILE A 277 -4.29 15.54 -8.29
N MET A 278 -4.17 15.19 -9.56
CA MET A 278 -2.95 15.51 -10.33
C MET A 278 -2.77 17.03 -10.51
N THR A 279 -3.87 17.77 -10.71
CA THR A 279 -3.79 19.21 -10.72
C THR A 279 -3.17 19.77 -9.46
N TYR A 280 -3.64 19.27 -8.33
CA TYR A 280 -3.15 19.67 -7.03
C TYR A 280 -1.64 19.32 -6.88
N LEU A 281 -1.24 18.10 -7.23
CA LEU A 281 0.14 17.65 -7.12
C LEU A 281 1.12 18.51 -7.93
N PHE A 282 0.62 19.14 -8.99
CA PHE A 282 1.44 20.01 -9.84
C PHE A 282 1.19 21.50 -9.62
N ASP A 283 0.38 21.85 -8.62
CA ASP A 283 0.04 23.26 -8.43
C ASP A 283 1.13 23.98 -7.62
N PHE A 284 2.10 24.51 -8.36
CA PHE A 284 3.18 25.33 -7.84
C PHE A 284 3.23 26.49 -8.82
N PRO A 285 3.82 27.63 -8.41
CA PRO A 285 3.94 28.77 -9.33
C PRO A 285 5.09 28.58 -10.36
N HIS A 286 5.40 27.35 -10.69
CA HIS A 286 6.49 27.01 -11.61
C HIS A 286 6.27 25.61 -12.17
N GLY A 287 7.09 25.25 -13.14
CA GLY A 287 7.06 23.94 -13.73
C GLY A 287 8.04 23.03 -12.97
N PRO A 288 8.85 22.27 -13.72
CA PRO A 288 9.83 21.33 -13.13
C PRO A 288 10.72 21.93 -12.08
N LYS A 289 11.25 23.14 -12.33
CA LYS A 289 12.06 23.84 -11.34
C LYS A 289 11.58 25.27 -11.17
N PRO A 290 11.87 25.87 -10.01
CA PRO A 290 11.63 27.27 -9.77
C PRO A 290 12.16 28.13 -10.91
N GLY A 291 11.36 29.13 -11.29
CA GLY A 291 11.70 29.99 -12.39
C GLY A 291 11.15 29.53 -13.73
N SER A 292 10.77 28.26 -13.85
CA SER A 292 10.24 27.72 -15.10
C SER A 292 8.72 27.89 -15.19
N SER A 293 8.22 28.06 -16.41
CA SER A 293 6.76 28.15 -16.59
C SER A 293 6.04 26.91 -16.08
N HIS A 294 4.94 27.12 -15.37
CA HIS A 294 4.06 26.01 -15.03
C HIS A 294 3.49 25.36 -16.28
N ARG A 295 3.40 24.03 -16.23
CA ARG A 295 2.83 23.23 -17.32
C ARG A 295 1.72 22.33 -16.74
N PRO A 296 0.71 22.03 -17.53
CA PRO A 296 -0.33 21.13 -17.03
C PRO A 296 0.20 19.74 -16.70
N TRP A 297 -0.37 19.11 -15.67
CA TRP A 297 0.03 17.76 -15.32
C TRP A 297 0.07 16.77 -16.50
N GLN A 298 -0.88 16.90 -17.44
CA GLN A 298 -1.00 15.92 -18.51
C GLN A 298 0.25 15.96 -19.44
N SER A 299 0.91 17.12 -19.50
CA SER A 299 2.08 17.32 -20.36
C SER A 299 3.29 16.47 -19.93
N TYR A 300 3.26 15.96 -18.71
CA TYR A 300 4.35 15.16 -18.16
C TYR A 300 4.24 13.70 -18.59
N PHE A 301 3.15 13.34 -19.28
CA PHE A 301 2.89 11.93 -19.61
C PHE A 301 2.74 11.71 -21.11
N ASP A 302 3.36 10.64 -21.59
CA ASP A 302 3.18 10.16 -22.93
C ASP A 302 1.89 9.37 -23.09
N LEU A 303 1.40 8.78 -22.00
CA LEU A 303 0.17 7.98 -22.01
C LEU A 303 -0.50 8.11 -20.67
N ILE A 304 -1.79 8.41 -20.66
CA ILE A 304 -2.60 8.50 -19.46
C ILE A 304 -3.77 7.51 -19.60
N LEU A 305 -3.87 6.62 -18.64
CA LEU A 305 -4.88 5.54 -18.63
C LEU A 305 -5.53 5.50 -17.23
N VAL A 306 -6.84 5.65 -17.23
CA VAL A 306 -7.65 5.65 -16.01
C VAL A 306 -8.59 4.42 -16.07
N ASP A 307 -9.27 4.15 -14.96
CA ASP A 307 -10.16 2.99 -14.82
C ASP A 307 -9.43 1.69 -15.21
N ALA A 308 -8.19 1.53 -14.71
CA ALA A 308 -7.33 0.49 -15.27
C ALA A 308 -7.82 -0.90 -14.92
N ARG A 309 -8.59 -1.02 -13.83
CA ARG A 309 -9.04 -2.33 -13.27
C ARG A 309 -7.84 -3.30 -13.05
N LYS A 310 -6.77 -2.79 -12.45
CA LYS A 310 -5.70 -3.66 -11.96
C LYS A 310 -6.24 -4.46 -10.81
N PRO A 311 -5.90 -5.77 -10.71
CA PRO A 311 -4.96 -6.50 -11.55
C PRO A 311 -5.47 -7.17 -12.82
N LEU A 312 -6.78 -7.19 -13.06
CA LEU A 312 -7.35 -7.71 -14.34
C LEU A 312 -6.64 -7.09 -15.58
N PHE A 313 -6.31 -5.81 -15.46
CA PHE A 313 -5.45 -5.07 -16.41
C PHE A 313 -4.24 -5.86 -16.94
N PHE A 314 -3.58 -6.61 -16.06
CA PHE A 314 -2.41 -7.39 -16.43
C PHE A 314 -2.74 -8.76 -16.99
N GLY A 315 -4.03 -9.11 -17.03
CA GLY A 315 -4.52 -10.28 -17.82
C GLY A 315 -5.29 -9.82 -19.05
N GLU A 316 -6.54 -10.26 -19.15
CA GLU A 316 -7.44 -9.90 -20.28
C GLU A 316 -7.76 -8.38 -20.39
N GLY A 317 -7.67 -7.69 -19.27
CA GLY A 317 -8.07 -6.30 -19.19
C GLY A 317 -9.53 -6.13 -19.48
N THR A 318 -9.86 -4.95 -19.94
CA THR A 318 -11.20 -4.64 -20.42
C THR A 318 -11.08 -3.91 -21.75
N VAL A 319 -12.21 -3.68 -22.38
CA VAL A 319 -12.21 -2.95 -23.64
C VAL A 319 -11.56 -1.57 -23.49
N LEU A 320 -10.72 -1.21 -24.46
CA LEU A 320 -10.10 0.12 -24.47
C LEU A 320 -11.13 1.20 -24.86
N ARG A 321 -11.25 2.20 -24.00
CA ARG A 321 -12.16 3.34 -24.19
C ARG A 321 -11.39 4.63 -24.23
N GLN A 322 -12.01 5.67 -24.78
CA GLN A 322 -11.45 6.98 -24.80
C GLN A 322 -12.27 7.89 -23.90
N VAL A 323 -11.59 8.65 -23.05
CA VAL A 323 -12.26 9.63 -22.19
C VAL A 323 -12.51 10.92 -22.98
N ASP A 324 -13.73 11.43 -22.91
CA ASP A 324 -13.99 12.79 -23.34
C ASP A 324 -13.56 13.72 -22.20
N THR A 325 -12.44 14.40 -22.34
CA THR A 325 -11.84 15.11 -21.19
C THR A 325 -12.54 16.43 -20.82
N LYS A 326 -13.37 16.94 -21.71
CA LYS A 326 -14.24 18.07 -21.41
C LYS A 326 -15.36 17.71 -20.42
N THR A 327 -16.01 16.57 -20.64
CA THR A 327 -17.16 16.15 -19.83
C THR A 327 -16.76 15.19 -18.74
N GLY A 328 -15.64 14.49 -18.92
CA GLY A 328 -15.22 13.45 -18.00
C GLY A 328 -15.95 12.13 -18.21
N LYS A 329 -16.80 12.07 -19.23
CA LYS A 329 -17.49 10.86 -19.62
C LYS A 329 -16.69 10.09 -20.66
N LEU A 330 -16.93 8.78 -20.70
CA LEU A 330 -16.36 7.95 -21.76
C LEU A 330 -17.11 8.21 -23.08
N LYS A 331 -16.37 8.26 -24.18
CA LYS A 331 -16.98 8.26 -25.49
C LYS A 331 -17.58 6.88 -25.68
N ILE A 332 -18.63 6.79 -26.50
CA ILE A 332 -19.31 5.52 -26.70
C ILE A 332 -18.51 4.73 -27.76
N GLY A 333 -18.26 3.47 -27.46
CA GLY A 333 -17.58 2.56 -28.37
C GLY A 333 -16.17 2.24 -27.93
N THR A 334 -15.62 1.15 -28.45
CA THR A 334 -14.22 0.80 -28.22
C THR A 334 -13.32 1.70 -29.09
N TYR A 335 -12.26 2.26 -28.49
CA TYR A 335 -11.28 3.05 -29.23
C TYR A 335 -10.30 2.20 -30.00
N THR A 336 -10.24 2.42 -31.30
CA THR A 336 -9.50 1.60 -32.24
C THR A 336 -8.34 2.39 -32.89
N GLY A 337 -8.16 3.65 -32.48
CA GLY A 337 -7.21 4.59 -33.12
C GLY A 337 -5.82 4.56 -32.51
N PRO A 338 -4.91 5.41 -33.01
CA PRO A 338 -3.52 5.44 -32.54
C PRO A 338 -3.35 6.29 -31.25
N LEU A 339 -2.14 6.29 -30.70
CA LEU A 339 -1.80 7.18 -29.59
C LEU A 339 -1.77 8.58 -30.17
N GLN A 340 -2.56 9.50 -29.62
CA GLN A 340 -2.54 10.89 -30.12
C GLN A 340 -2.29 11.81 -28.99
N HIS A 341 -1.69 12.95 -29.27
CA HIS A 341 -1.46 13.95 -28.27
C HIS A 341 -2.79 14.34 -27.62
N GLY A 342 -2.80 14.35 -26.31
CA GLY A 342 -3.97 14.80 -25.59
C GLY A 342 -5.00 13.73 -25.33
N ILE A 343 -4.86 12.53 -25.90
CA ILE A 343 -5.83 11.50 -25.68
C ILE A 343 -5.67 10.93 -24.26
N VAL A 344 -6.80 10.56 -23.63
CA VAL A 344 -6.81 9.93 -22.34
C VAL A 344 -7.61 8.65 -22.50
N TYR A 345 -7.01 7.55 -22.07
CA TYR A 345 -7.58 6.22 -22.24
C TYR A 345 -8.22 5.75 -20.94
N SER A 346 -9.14 4.79 -21.09
CA SER A 346 -9.82 4.16 -19.97
C SER A 346 -9.92 2.66 -20.24
N GLY A 347 -9.58 1.85 -19.25
CA GLY A 347 -9.70 0.42 -19.41
C GLY A 347 -8.49 -0.16 -20.09
N GLY A 348 -8.71 -1.00 -21.07
CA GLY A 348 -7.62 -1.62 -21.80
C GLY A 348 -6.91 -2.66 -20.96
N SER A 349 -5.64 -2.89 -21.30
CA SER A 349 -4.80 -3.93 -20.70
C SER A 349 -3.38 -3.43 -20.68
N SER A 350 -2.51 -4.14 -19.99
CA SER A 350 -1.08 -3.81 -20.00
C SER A 350 -0.51 -3.86 -21.41
N ASP A 351 -1.07 -4.72 -22.25
CA ASP A 351 -0.65 -4.78 -23.65
C ASP A 351 -0.93 -3.49 -24.44
N THR A 352 -1.92 -2.71 -24.01
CA THR A 352 -2.19 -1.40 -24.57
C THR A 352 -0.99 -0.48 -24.43
N ILE A 353 -0.45 -0.43 -23.24
CA ILE A 353 0.71 0.40 -22.95
C ILE A 353 1.92 -0.07 -23.75
N CYS A 354 2.15 -1.36 -23.76
CA CYS A 354 3.29 -1.90 -24.48
C CYS A 354 3.21 -1.60 -25.94
N ASP A 355 2.06 -1.81 -26.53
CA ASP A 355 1.90 -1.60 -27.94
C ASP A 355 2.01 -0.11 -28.32
N LEU A 356 1.28 0.74 -27.61
CA LEU A 356 1.25 2.18 -27.90
C LEU A 356 2.57 2.92 -27.62
N LEU A 357 3.32 2.47 -26.63
CA LEU A 357 4.63 3.02 -26.33
C LEU A 357 5.79 2.23 -26.96
N GLY A 358 5.50 1.09 -27.57
CA GLY A 358 6.52 0.26 -28.24
C GLY A 358 7.53 -0.31 -27.27
N ALA A 359 7.06 -0.76 -26.12
CA ALA A 359 7.90 -1.31 -25.07
C ALA A 359 7.66 -2.83 -24.95
N LYS A 360 8.69 -3.54 -24.55
CA LYS A 360 8.57 -4.89 -24.05
C LYS A 360 8.57 -4.69 -22.52
N GLY A 361 8.11 -5.68 -21.76
CA GLY A 361 8.06 -5.58 -20.29
C GLY A 361 9.32 -5.17 -19.55
N LYS A 362 10.45 -5.73 -19.92
CA LYS A 362 11.71 -5.39 -19.26
C LYS A 362 12.24 -3.97 -19.53
N ASP A 363 11.64 -3.28 -20.47
CA ASP A 363 11.91 -1.86 -20.78
C ASP A 363 11.08 -0.96 -19.86
N ILE A 364 10.16 -1.54 -19.11
CA ILE A 364 9.23 -0.77 -18.29
C ILE A 364 9.57 -0.92 -16.81
N LEU A 365 9.72 0.21 -16.14
CA LEU A 365 9.73 0.27 -14.67
C LEU A 365 8.37 0.80 -14.21
N TYR A 366 7.58 -0.05 -13.59
CA TYR A 366 6.28 0.34 -13.08
C TYR A 366 6.37 0.57 -11.55
N ILE A 367 5.89 1.73 -11.14
CA ILE A 367 6.06 2.24 -9.79
C ILE A 367 4.71 2.25 -9.15
N GLY A 368 4.52 1.41 -8.14
CA GLY A 368 3.23 1.38 -7.46
C GLY A 368 3.34 0.99 -6.00
N ASP A 369 2.18 0.99 -5.36
CA ASP A 369 2.05 0.77 -3.89
C ASP A 369 1.30 -0.51 -3.57
N HIS A 370 0.62 -1.14 -4.55
CA HIS A 370 -0.22 -2.30 -4.25
C HIS A 370 0.64 -3.53 -4.58
N ILE A 371 1.02 -4.23 -3.54
CA ILE A 371 1.93 -5.34 -3.65
C ILE A 371 1.37 -6.43 -4.58
N PHE A 372 0.06 -6.64 -4.54
CA PHE A 372 -0.58 -7.64 -5.35
C PHE A 372 -0.94 -7.09 -6.73
N GLY A 373 -1.75 -6.02 -6.74
CA GLY A 373 -2.34 -5.52 -7.97
C GLY A 373 -1.46 -4.72 -8.88
N ASP A 374 -0.43 -4.11 -8.33
CA ASP A 374 0.57 -3.39 -9.11
C ASP A 374 1.83 -4.24 -9.37
N ILE A 375 2.39 -4.82 -8.32
CA ILE A 375 3.75 -5.33 -8.38
C ILE A 375 3.83 -6.82 -8.72
N LEU A 376 3.22 -7.67 -7.89
CA LEU A 376 3.21 -9.09 -8.15
C LEU A 376 2.63 -9.39 -9.53
N LYS A 377 1.47 -8.83 -9.85
CA LYS A 377 0.80 -9.19 -11.12
C LYS A 377 1.56 -8.66 -12.36
N SER A 378 2.13 -7.49 -12.28
CA SER A 378 2.87 -6.96 -13.47
C SER A 378 4.16 -7.77 -13.66
N LYS A 379 4.79 -8.19 -12.54
CA LYS A 379 6.00 -9.01 -12.61
C LYS A 379 5.67 -10.38 -13.19
N LYS A 380 4.72 -11.09 -12.57
CA LYS A 380 4.42 -12.46 -12.96
C LYS A 380 3.71 -12.60 -14.31
N ARG A 381 2.83 -11.68 -14.64
CA ARG A 381 2.02 -11.83 -15.82
C ARG A 381 2.74 -11.28 -17.03
N GLN A 382 3.61 -10.27 -16.83
CA GLN A 382 4.13 -9.54 -17.96
C GLN A 382 5.63 -9.31 -17.91
N GLY A 383 6.30 -9.69 -16.83
CA GLY A 383 7.75 -9.49 -16.78
C GLY A 383 8.16 -8.03 -16.80
N TRP A 384 7.33 -7.19 -16.21
CA TRP A 384 7.67 -5.79 -15.99
C TRP A 384 8.72 -5.69 -14.88
N ARG A 385 9.57 -4.67 -14.96
CA ARG A 385 10.40 -4.28 -13.82
C ARG A 385 9.53 -3.46 -12.87
N THR A 386 9.81 -3.61 -11.58
CA THR A 386 8.91 -3.14 -10.54
C THR A 386 9.66 -2.33 -9.46
N PHE A 387 8.96 -1.30 -9.01
CA PHE A 387 9.39 -0.43 -7.91
C PHE A 387 8.19 -0.30 -6.97
N LEU A 388 8.35 -0.78 -5.74
CA LEU A 388 7.30 -0.70 -4.74
C LEU A 388 7.53 0.47 -3.81
N VAL A 389 6.53 1.33 -3.69
CA VAL A 389 6.56 2.48 -2.77
C VAL A 389 5.97 1.96 -1.49
N ILE A 390 6.66 2.16 -0.36
CA ILE A 390 6.16 1.67 0.94
C ILE A 390 6.15 2.87 1.86
N PRO A 391 5.04 3.63 1.86
CA PRO A 391 5.02 4.87 2.65
C PRO A 391 5.42 4.77 4.13
N GLU A 392 5.05 3.70 4.81
CA GLU A 392 5.41 3.49 6.23
C GLU A 392 6.89 3.28 6.47
N LEU A 393 7.67 3.00 5.42
CA LEU A 393 9.10 2.77 5.53
C LEU A 393 9.78 3.99 6.15
N ALA A 394 9.28 5.18 5.79
CA ALA A 394 9.77 6.45 6.31
C ALA A 394 9.90 6.33 7.83
N GLN A 395 8.81 5.98 8.51
CA GLN A 395 8.84 5.75 9.95
C GLN A 395 9.42 4.39 10.43
N GLU A 396 9.21 3.30 9.71
CA GLU A 396 9.78 1.99 10.10
C GLU A 396 11.32 1.98 10.15
N LEU A 397 11.95 2.74 9.24
CA LEU A 397 13.41 2.95 9.27
C LEU A 397 13.85 3.68 10.54
N HIS A 398 13.12 4.73 10.92
N HIS A 398 13.12 4.73 10.92
CA HIS A 398 13.47 5.46 12.15
CA HIS A 398 13.42 5.43 12.18
C HIS A 398 13.42 4.53 13.37
C HIS A 398 13.46 4.47 13.34
N VAL A 399 12.38 3.70 13.49
CA VAL A 399 12.28 2.70 14.56
C VAL A 399 13.35 1.61 14.43
N TRP A 400 13.58 1.11 13.22
CA TRP A 400 14.58 0.04 12.99
C TRP A 400 15.94 0.49 13.53
N THR A 401 16.31 1.74 13.25
CA THR A 401 17.61 2.31 13.68
C THR A 401 17.61 2.67 15.17
N ASP A 402 16.62 3.45 15.59
CA ASP A 402 16.49 3.87 16.99
C ASP A 402 16.44 2.69 17.95
N LYS A 403 15.89 1.56 17.53
CA LYS A 403 15.72 0.39 18.39
C LYS A 403 16.50 -0.84 17.91
N SER A 404 17.56 -0.63 17.13
CA SER A 404 18.37 -1.75 16.62
C SER A 404 18.93 -2.66 17.73
N SER A 405 19.12 -2.09 18.92
CA SER A 405 19.65 -2.82 20.09
C SER A 405 18.76 -3.99 20.50
N LEU A 406 17.44 -3.79 20.46
CA LEU A 406 16.48 -4.85 20.77
C LEU A 406 16.58 -6.02 19.78
N PHE A 407 16.67 -5.70 18.48
CA PHE A 407 16.82 -6.74 17.44
C PHE A 407 18.15 -7.47 17.60
N GLU A 408 19.21 -6.69 17.82
CA GLU A 408 20.55 -7.25 18.02
C GLU A 408 20.53 -8.26 19.17
N GLU A 409 19.88 -7.89 20.29
CA GLU A 409 19.68 -8.80 21.41
C GLU A 409 18.98 -10.06 20.97
N LEU A 410 17.86 -9.91 20.25
CA LEU A 410 17.11 -11.05 19.72
C LEU A 410 17.99 -11.97 18.86
N GLN A 411 18.79 -11.37 17.99
CA GLN A 411 19.70 -12.15 17.15
C GLN A 411 20.68 -12.97 17.99
N SER A 412 21.26 -12.31 19.00
CA SER A 412 22.21 -12.94 19.91
C SER A 412 21.56 -14.09 20.69
N LEU A 413 20.35 -13.84 21.21
CA LEU A 413 19.57 -14.84 21.95
C LEU A 413 19.34 -16.09 21.10
N ASP A 414 18.89 -15.87 19.85
CA ASP A 414 18.63 -16.96 18.89
C ASP A 414 19.89 -17.81 18.65
N ILE A 415 21.04 -17.14 18.58
CA ILE A 415 22.34 -17.81 18.42
C ILE A 415 22.71 -18.62 19.67
N PHE A 416 22.55 -17.97 20.83
CA PHE A 416 22.81 -18.56 22.16
C PHE A 416 21.89 -19.77 22.39
N LEU A 417 20.67 -19.69 21.85
CA LEU A 417 19.72 -20.82 21.86
C LEU A 417 20.25 -22.11 21.14
N ALA A 418 21.42 -22.02 20.53
CA ALA A 418 22.16 -23.20 20.08
C ALA A 418 23.67 -22.97 20.25
N SER A 435 13.58 -23.49 28.38
CA SER A 435 14.61 -22.67 29.00
C SER A 435 14.11 -21.24 29.25
N SER A 436 14.82 -20.52 30.12
CA SER A 436 14.48 -19.12 30.41
C SER A 436 14.88 -18.19 29.25
N ILE A 437 15.83 -18.63 28.42
CA ILE A 437 16.24 -17.89 27.21
C ILE A 437 15.08 -17.78 26.22
N GLN A 438 14.32 -18.86 26.09
CA GLN A 438 13.16 -18.91 25.19
C GLN A 438 12.05 -17.91 25.59
N ARG A 439 11.85 -17.74 26.90
CA ARG A 439 10.89 -16.76 27.42
C ARG A 439 11.42 -15.32 27.31
N ARG A 440 12.75 -15.18 27.28
CA ARG A 440 13.41 -13.90 27.00
C ARG A 440 13.24 -13.50 25.53
N ILE A 441 13.35 -14.49 24.64
CA ILE A 441 13.14 -14.29 23.19
C ILE A 441 11.70 -13.82 22.88
N LYS A 442 10.73 -14.40 23.59
CA LYS A 442 9.33 -13.97 23.49
C LYS A 442 9.13 -12.55 24.03
N LYS A 443 9.75 -12.28 25.16
CA LYS A 443 9.66 -10.97 25.80
C LYS A 443 10.31 -9.86 24.94
N VAL A 444 11.49 -10.14 24.41
CA VAL A 444 12.19 -9.15 23.59
C VAL A 444 11.45 -8.90 22.26
N THR A 445 10.98 -9.99 21.63
CA THR A 445 10.13 -9.96 20.41
C THR A 445 8.93 -9.02 20.62
N HIS A 446 8.25 -9.19 21.75
CA HIS A 446 7.12 -8.35 22.08
C HIS A 446 7.50 -6.89 22.24
N ASP A 447 8.57 -6.63 22.99
CA ASP A 447 8.98 -5.25 23.26
C ASP A 447 9.41 -4.56 21.96
N MET A 448 10.10 -5.30 21.10
CA MET A 448 10.46 -4.83 19.78
C MET A 448 9.19 -4.50 18.97
N ASP A 449 8.33 -5.49 18.81
CA ASP A 449 7.06 -5.34 18.06
C ASP A 449 6.22 -4.13 18.51
N MET A 450 6.11 -3.93 19.83
CA MET A 450 5.29 -2.86 20.38
C MET A 450 5.75 -1.46 19.98
N CYS A 451 7.03 -1.32 19.61
CA CYS A 451 7.60 -0.04 19.16
C CYS A 451 7.00 0.43 17.86
N TYR A 452 6.46 -0.52 17.08
CA TYR A 452 5.83 -0.22 15.81
C TYR A 452 4.33 0.03 15.91
N GLY A 453 3.69 -0.53 16.95
CA GLY A 453 2.23 -0.53 17.10
C GLY A 453 1.74 -1.88 17.64
N MET A 454 0.45 -1.96 17.90
CA MET A 454 -0.13 -3.15 18.48
C MET A 454 0.01 -4.41 17.60
N MET A 455 0.11 -4.21 16.29
CA MET A 455 0.22 -5.34 15.35
C MET A 455 1.63 -5.44 14.78
N GLY A 456 2.57 -4.70 15.37
CA GLY A 456 3.96 -4.84 15.04
C GLY A 456 4.41 -4.27 13.71
N SER A 457 5.65 -4.54 13.37
CA SER A 457 6.19 -4.16 12.11
C SER A 457 5.44 -4.82 10.94
N LEU A 458 5.32 -4.03 9.88
CA LEU A 458 4.86 -4.48 8.58
C LEU A 458 5.69 -5.68 8.09
N PHE A 459 6.99 -5.65 8.42
CA PHE A 459 7.99 -6.56 7.84
C PHE A 459 8.34 -7.81 8.66
N ARG A 460 8.00 -7.82 9.93
CA ARG A 460 8.40 -8.92 10.81
C ARG A 460 7.70 -8.90 12.18
N SER A 461 7.74 -10.04 12.86
CA SER A 461 7.45 -10.15 14.30
C SER A 461 8.74 -10.79 14.85
N GLY A 462 9.52 -10.00 15.57
CA GLY A 462 10.82 -10.43 16.03
C GLY A 462 11.64 -10.90 14.84
N SER A 463 12.10 -12.14 14.91
CA SER A 463 12.95 -12.69 13.85
C SER A 463 12.21 -13.37 12.69
N ARG A 464 10.88 -13.38 12.72
N ARG A 464 10.88 -13.38 12.76
CA ARG A 464 10.12 -14.03 11.67
CA ARG A 464 10.03 -13.97 11.72
C ARG A 464 9.57 -12.99 10.70
C ARG A 464 9.63 -12.91 10.70
N GLN A 465 9.92 -13.13 9.42
CA GLN A 465 9.46 -12.20 8.43
C GLN A 465 8.00 -12.44 8.09
N THR A 466 7.29 -11.37 7.76
CA THR A 466 5.89 -11.46 7.42
C THR A 466 5.71 -11.86 5.93
N LEU A 467 4.51 -12.27 5.58
CA LEU A 467 4.11 -12.52 4.20
C LEU A 467 4.40 -11.26 3.33
N PHE A 468 4.06 -10.07 3.85
CA PHE A 468 4.28 -8.85 3.09
C PHE A 468 5.78 -8.67 2.79
N ALA A 469 6.65 -8.85 3.79
CA ALA A 469 8.09 -8.83 3.55
C ALA A 469 8.55 -9.81 2.46
N SER A 470 8.05 -11.03 2.51
N SER A 470 8.05 -11.04 2.54
CA SER A 470 8.47 -12.04 1.54
CA SER A 470 8.37 -12.08 1.56
C SER A 470 7.99 -11.71 0.10
C SER A 470 8.05 -11.59 0.14
N GLN A 471 6.83 -11.07 0.00
CA GLN A 471 6.31 -10.63 -1.30
C GLN A 471 7.04 -9.41 -1.83
N VAL A 472 7.45 -8.50 -0.96
CA VAL A 472 8.33 -7.39 -1.32
C VAL A 472 9.65 -7.93 -1.88
N MET A 473 10.31 -8.83 -1.16
CA MET A 473 11.58 -9.35 -1.61
C MET A 473 11.47 -10.11 -2.92
N ARG A 474 10.38 -10.88 -3.12
CA ARG A 474 10.19 -11.69 -4.31
C ARG A 474 9.81 -10.93 -5.59
N TYR A 475 8.95 -9.92 -5.44
CA TYR A 475 8.29 -9.29 -6.59
C TYR A 475 8.68 -7.84 -6.87
N ALA A 476 9.15 -7.11 -5.85
CA ALA A 476 9.60 -5.73 -5.99
C ALA A 476 11.12 -5.70 -6.31
N ASP A 477 11.47 -5.38 -7.52
CA ASP A 477 12.91 -5.30 -7.92
C ASP A 477 13.59 -4.24 -7.08
N LEU A 478 12.94 -3.09 -7.03
CA LEU A 478 13.31 -1.98 -6.16
C LEU A 478 12.17 -1.62 -5.20
N TYR A 479 12.55 -1.01 -4.08
CA TYR A 479 11.59 -0.40 -3.18
C TYR A 479 12.16 0.77 -2.39
N ALA A 480 11.27 1.61 -1.90
CA ALA A 480 11.66 2.82 -1.17
C ALA A 480 10.46 3.37 -0.44
N ALA A 481 10.73 4.27 0.51
CA ALA A 481 9.73 5.08 1.20
C ALA A 481 8.92 5.95 0.23
N SER A 482 9.56 6.39 -0.86
CA SER A 482 8.91 7.25 -1.86
C SER A 482 9.57 7.02 -3.22
N PHE A 483 8.79 7.11 -4.29
CA PHE A 483 9.36 7.06 -5.66
C PHE A 483 10.35 8.24 -5.89
N ILE A 484 10.17 9.33 -5.16
CA ILE A 484 11.02 10.51 -5.34
C ILE A 484 12.51 10.24 -5.13
N ASN A 485 12.82 9.18 -4.38
CA ASN A 485 14.21 8.80 -4.08
C ASN A 485 15.01 8.45 -5.35
N LEU A 486 14.31 8.11 -6.44
CA LEU A 486 14.92 7.99 -7.78
C LEU A 486 15.61 9.27 -8.28
N LEU A 487 15.19 10.44 -7.79
CA LEU A 487 15.83 11.72 -8.16
C LEU A 487 17.29 11.80 -7.73
N TYR A 488 17.64 11.01 -6.73
CA TYR A 488 18.96 11.09 -6.12
C TYR A 488 19.96 10.15 -6.75
N TYR A 489 19.56 9.46 -7.82
CA TYR A 489 20.43 8.53 -8.54
C TYR A 489 20.55 8.99 -9.97
N PRO A 490 21.73 8.83 -10.59
CA PRO A 490 21.85 9.22 -11.99
C PRO A 490 21.07 8.31 -12.96
N PHE A 491 20.81 8.86 -14.13
CA PHE A 491 20.16 8.18 -15.28
C PHE A 491 20.64 6.74 -15.60
N SER A 492 21.92 6.47 -15.42
CA SER A 492 22.47 5.20 -15.85
C SER A 492 22.95 4.38 -14.67
N TYR A 493 22.34 4.64 -13.51
CA TYR A 493 22.73 3.95 -12.30
C TYR A 493 22.46 2.46 -12.43
N LEU A 494 23.41 1.65 -11.98
CA LEU A 494 23.20 0.21 -11.86
C LEU A 494 22.87 -0.15 -10.41
N PHE A 495 21.62 -0.44 -10.14
CA PHE A 495 21.22 -0.92 -8.83
C PHE A 495 21.64 -2.39 -8.73
N ARG A 496 22.39 -2.75 -7.70
CA ARG A 496 22.92 -4.10 -7.60
C ARG A 496 22.43 -4.80 -6.35
N ALA A 497 22.09 -6.08 -6.50
CA ALA A 497 21.84 -6.97 -5.40
C ALA A 497 22.82 -8.16 -5.52
N ALA A 498 23.24 -8.75 -4.40
CA ALA A 498 24.15 -9.91 -4.44
C ALA A 498 23.46 -11.08 -5.09
N HIS A 499 24.22 -11.86 -5.85
CA HIS A 499 23.72 -13.11 -6.46
C HIS A 499 23.40 -14.05 -5.33
N VAL A 500 22.30 -14.77 -5.50
CA VAL A 500 21.83 -15.75 -4.53
C VAL A 500 22.47 -17.14 -4.83
N LEU A 501 22.85 -17.84 -3.74
CA LEU A 501 23.40 -19.20 -3.78
C LEU A 501 22.56 -20.14 -2.92
N MET A 502 22.41 -21.37 -3.38
CA MET A 502 21.77 -22.40 -2.57
C MET A 502 22.72 -22.86 -1.46
N PRO A 503 22.17 -23.42 -0.37
CA PRO A 503 22.99 -23.98 0.71
C PRO A 503 24.14 -24.93 0.27
N HIS A 504 23.91 -25.77 -0.72
CA HIS A 504 24.96 -26.70 -1.20
C HIS A 504 26.02 -25.98 -2.08
N GLU A 505 25.71 -24.78 -2.52
CA GLU A 505 26.62 -23.99 -3.35
C GLU A 505 27.54 -23.07 -2.52
N SER A 506 27.31 -22.99 -1.19
CA SER A 506 28.04 -22.05 -0.31
C SER A 506 29.24 -22.69 0.37
PG ATP B . 3.57 -18.26 -2.46
O1G ATP B . 4.05 -19.46 -1.64
O2G ATP B . 3.59 -16.86 -1.81
O3G ATP B . 4.16 -18.21 -3.85
PB ATP B . 1.01 -17.91 -3.75
O1B ATP B . 1.58 -18.32 -5.10
O2B ATP B . 0.70 -16.48 -3.53
O3B ATP B . 1.94 -18.47 -2.56
PA ATP B . -1.24 -19.11 -2.45
O1A ATP B . -1.91 -20.45 -2.83
O2A ATP B . -0.54 -19.03 -1.10
O3A ATP B . -0.33 -18.77 -3.71
O5' ATP B . -2.32 -17.90 -2.59
C5' ATP B . -3.68 -18.16 -2.87
C4' ATP B . -4.24 -17.07 -3.73
O4' ATP B . -3.98 -15.76 -3.15
C3' ATP B . -3.61 -17.06 -5.11
O3' ATP B . -4.65 -16.86 -6.06
C2' ATP B . -2.67 -15.87 -5.10
O2' ATP B . -2.50 -15.19 -6.34
C1' ATP B . -3.40 -14.94 -4.17
N9 ATP B . -2.52 -13.94 -3.51
C8 ATP B . -1.20 -14.03 -3.25
N7 ATP B . -0.79 -12.93 -2.60
C5 ATP B . -1.88 -12.15 -2.43
C6 ATP B . -2.14 -10.85 -1.82
N6 ATP B . -1.07 -10.22 -1.30
N1 ATP B . -3.40 -10.36 -1.87
C2 ATP B . -4.42 -11.03 -2.43
N3 ATP B . -4.24 -12.22 -3.02
C4 ATP B . -3.03 -12.82 -3.03
P IMP C . -4.67 3.64 -7.97
O1P IMP C . -4.34 5.02 -8.55
O2P IMP C . -4.44 2.66 -9.11
O3P IMP C . -3.84 3.38 -6.75
O5' IMP C . -6.24 3.50 -7.65
C5' IMP C . -6.86 3.89 -6.47
C4' IMP C . -8.37 3.95 -6.67
O4' IMP C . -8.88 2.75 -6.11
C3' IMP C . -9.04 5.10 -5.98
O3' IMP C . -10.05 5.63 -6.81
C2' IMP C . -9.72 4.44 -4.80
O2' IMP C . -10.92 5.10 -4.52
C1' IMP C . -9.95 3.02 -5.25
N9 IMP C . -9.93 2.04 -4.14
C8 IMP C . -8.86 1.64 -3.40
N7 IMP C . -9.27 0.77 -2.49
C5 IMP C . -10.59 0.57 -2.69
C6 IMP C . -11.55 -0.21 -2.07
O6 IMP C . -11.27 -0.94 -1.15
N1 IMP C . -12.85 -0.16 -2.48
C2 IMP C . -13.21 0.65 -3.52
N3 IMP C . -12.29 1.46 -4.12
C4 IMP C . -11.01 1.39 -3.71
C1 GOL D . -1.11 11.01 -24.94
O1 GOL D . -0.22 10.85 -26.03
C2 GOL D . -0.60 12.11 -24.02
O2 GOL D . -0.44 13.33 -24.74
C3 GOL D . -1.53 12.30 -22.84
O3 GOL D . -2.72 12.93 -23.26
C1 GOL E . -13.99 -7.60 -1.89
O1 GOL E . -14.79 -6.50 -1.54
C2 GOL E . -14.69 -8.95 -1.70
O2 GOL E . -16.10 -8.83 -1.83
C3 GOL E . -14.32 -9.56 -0.35
O3 GOL E . -15.27 -10.53 0.07
C1 GOL F . 4.17 1.20 10.14
O1 GOL F . 3.99 -0.08 9.55
C2 GOL F . 3.81 1.18 11.61
O2 GOL F . 4.90 0.86 12.45
C3 GOL F . 2.61 0.29 11.89
O3 GOL F . 1.58 1.23 11.95
C1 GOL G . -4.69 21.62 -14.56
O1 GOL G . -3.67 22.49 -15.06
C2 GOL G . -5.09 20.46 -15.48
O2 GOL G . -4.41 20.39 -16.72
C3 GOL G . -6.61 20.44 -15.69
O3 GOL G . -6.99 19.37 -16.52
C1 GOL H . -7.13 -8.09 -1.42
O1 GOL H . -6.56 -9.21 -0.74
C2 GOL H . -6.19 -6.89 -1.64
O2 GOL H . -6.20 -6.54 -2.98
C3 GOL H . -6.56 -5.63 -0.83
O3 GOL H . -6.62 -5.89 0.54
C1 GOL I . -15.33 7.17 -15.18
O1 GOL I . -14.97 5.84 -14.81
C2 GOL I . -15.07 7.52 -16.64
O2 GOL I . -16.14 8.37 -17.02
C3 GOL I . -13.75 8.24 -16.90
O3 GOL I . -12.71 7.83 -16.04
MG MG J . 3.49 -18.58 -5.62
MG MG K . -2.22 2.93 -5.76
#